data_8ZUD
#
_entry.id   8ZUD
#
_cell.length_a   99.617
_cell.length_b   55.863
_cell.length_c   58.287
_cell.angle_alpha   90.0
_cell.angle_beta   90.0
_cell.angle_gamma   90.0
#
_symmetry.space_group_name_H-M   'P 21 21 2'
#
loop_
_entity.id
_entity.type
_entity.pdbx_description
1 polymer 'Membrane-associated tyrosine- and threonine-specific cdc2-inhibitory kinase'
2 non-polymer 2-azanyl-3-(2,6-dimethyl-3-oxidanyl-phenyl)-5-(2-morpholin-4-ylpyridin-4-yl)benzamide
3 water water
#
_entity_poly.entity_id   1
_entity_poly.type   'polypeptide(L)'
_entity_poly.pdbx_seq_one_letter_code
;HQLQPRRVSFRGEASETLQSPGYDPSRPESFFQQSFQRLSRLGHGSYGEVFKVRSKEDGRLYAVKRSMSPFRGPKDRARK
LAEVGSHEKVGQHPCCVRLEQAWEEGGILYLQTELCGPSLQQHCEAWGASLPEAQVWGYLRDTLLALAHLHSQGLVHLDV
KPANIFLGPRGRCKLGDFGLLVELGTAGAGEVQEGDPRYMAPELLQGSYGTAADVFSLGLTILEVACNMELPHGGEGWQQ
LRQGYLPPEFTAGLSSELRSVLVMMLEPDPKLRATAEALLALPVLRQ
;
_entity_poly.pdbx_strand_id   A
#
loop_
_chem_comp.id
_chem_comp.type
_chem_comp.name
_chem_comp.formula
A1D82 non-polymer 2-azanyl-3-(2,6-dimethyl-3-oxidanyl-phenyl)-5-(2-morpholin-4-ylpyridin-4-yl)benzamide 'C24 H26 N4 O3'
#
# COMPACT_ATOMS: atom_id res chain seq x y z
N HIS A 1 -7.78 14.52 33.12
CA HIS A 1 -6.42 14.60 32.61
C HIS A 1 -6.19 13.60 31.51
N GLN A 2 -5.14 13.78 30.70
CA GLN A 2 -4.87 12.90 29.56
C GLN A 2 -3.49 12.27 29.68
N LEU A 3 -3.39 10.97 29.43
CA LEU A 3 -2.10 10.30 29.49
C LEU A 3 -1.18 10.88 28.40
N GLN A 4 0.11 10.88 28.69
CA GLN A 4 1.13 11.22 27.69
C GLN A 4 1.11 10.31 26.47
N PRO A 5 1.54 10.85 25.33
CA PRO A 5 1.63 10.02 24.14
C PRO A 5 2.59 8.88 24.37
N ARG A 6 2.30 7.71 23.82
CA ARG A 6 3.19 6.58 23.93
C ARG A 6 3.58 6.10 22.54
N ARG A 7 4.85 5.76 22.37
CA ARG A 7 5.31 5.16 21.12
C ARG A 7 4.66 3.83 20.89
N VAL A 8 4.26 3.55 19.65
CA VAL A 8 3.79 2.24 19.25
C VAL A 8 4.83 1.53 18.41
N SER A 9 5.30 0.40 18.91
CA SER A 9 6.29 -0.37 18.17
C SER A 9 6.23 -1.82 18.61
N PHE A 10 6.51 -2.73 17.69
CA PHE A 10 6.53 -4.12 18.13
C PHE A 10 7.91 -4.72 18.22
N ARG A 11 8.92 -3.86 18.33
CA ARG A 11 10.30 -4.36 18.39
C ARG A 11 10.85 -4.47 19.81
N GLY A 12 10.91 -3.37 20.55
CA GLY A 12 11.51 -3.40 21.88
C GLY A 12 11.19 -2.22 22.77
N GLU A 16 7.51 3.27 25.04
CA GLU A 16 7.90 4.31 25.99
C GLU A 16 7.11 5.58 25.72
N THR A 17 7.09 6.52 26.68
CA THR A 17 6.49 7.81 26.39
C THR A 17 7.28 8.47 25.28
N LEU A 18 6.62 9.29 24.49
CA LEU A 18 7.32 9.95 23.40
C LEU A 18 7.97 11.22 23.90
N GLN A 19 9.29 11.27 23.74
CA GLN A 19 10.02 12.51 23.96
C GLN A 19 10.55 12.97 22.62
N SER A 20 10.54 14.27 22.38
CA SER A 20 11.00 14.81 21.11
C SER A 20 11.36 16.25 21.30
N PRO A 21 12.45 16.68 20.66
CA PRO A 21 12.86 18.08 20.77
C PRO A 21 11.79 18.99 20.20
N GLY A 22 11.18 19.79 21.08
CA GLY A 22 10.08 20.65 20.69
C GLY A 22 8.78 20.21 21.34
N TYR A 23 8.78 19.00 21.89
CA TYR A 23 7.59 18.46 22.59
C TYR A 23 7.69 18.66 24.11
N ASP A 24 6.76 19.43 24.66
CA ASP A 24 6.68 19.59 26.11
C ASP A 24 5.40 18.98 26.70
N PRO A 25 5.54 17.90 27.47
CA PRO A 25 4.43 17.24 28.17
C PRO A 25 3.65 18.15 29.12
N SER A 26 4.29 19.22 29.60
CA SER A 26 3.69 20.23 30.48
C SER A 26 2.59 21.03 29.81
N ARG A 27 2.68 21.13 28.48
CA ARG A 27 1.70 21.87 27.69
C ARG A 27 0.57 20.94 27.31
N PRO A 28 -0.65 21.50 27.17
CA PRO A 28 -1.85 20.69 26.93
C PRO A 28 -2.04 20.25 25.47
N GLU A 29 -1.31 20.81 24.52
CA GLU A 29 -1.56 20.31 23.16
C GLU A 29 -0.87 19.00 22.90
N SER A 30 -1.45 18.30 21.95
CA SER A 30 -1.07 16.94 21.62
C SER A 30 0.33 16.96 21.04
N PHE A 31 0.93 15.79 21.05
CA PHE A 31 2.21 15.59 20.44
C PHE A 31 2.08 16.01 18.96
N PHE A 32 1.04 15.52 18.28
CA PHE A 32 0.84 15.90 16.88
C PHE A 32 0.76 17.42 16.67
N GLN A 33 0.01 18.12 17.51
CA GLN A 33 -0.10 19.59 17.40
C GLN A 33 1.20 20.31 17.69
N GLN A 34 1.91 19.90 18.74
CA GLN A 34 3.14 20.59 19.13
C GLN A 34 4.29 20.31 18.16
N SER A 35 4.32 19.09 17.59
CA SER A 35 5.57 18.60 16.99
C SER A 35 5.59 18.65 15.46
N PHE A 36 4.51 19.18 14.88
CA PHE A 36 4.33 19.19 13.41
C PHE A 36 3.53 20.40 13.01
N GLN A 37 3.86 20.91 11.84
CA GLN A 37 3.09 21.95 11.19
C GLN A 37 2.22 21.24 10.14
N ARG A 38 0.92 21.38 10.26
CA ARG A 38 0.01 20.81 9.28
C ARG A 38 -0.02 21.71 8.03
N LEU A 39 0.33 21.15 6.88
CA LEU A 39 0.42 21.88 5.63
C LEU A 39 -0.80 21.67 4.72
N SER A 40 -1.27 20.43 4.61
CA SER A 40 -2.48 20.13 3.85
C SER A 40 -3.08 18.80 4.28
N ARG A 41 -4.34 18.59 3.91
CA ARG A 41 -4.94 17.28 4.08
C ARG A 41 -4.91 16.55 2.77
N LEU A 42 -4.27 15.39 2.79
CA LEU A 42 -4.09 14.53 1.62
C LEU A 42 -5.19 13.50 1.42
N GLY A 43 -5.93 13.21 2.47
CA GLY A 43 -6.95 12.20 2.39
C GLY A 43 -7.80 12.16 3.66
N HIS A 44 -9.05 11.69 3.55
CA HIS A 44 -9.91 11.49 4.71
C HIS A 44 -10.97 10.45 4.37
N GLY A 45 -11.26 9.59 5.34
CA GLY A 45 -12.29 8.57 5.18
C GLY A 45 -12.57 7.96 6.53
N SER A 46 -13.23 6.80 6.55
CA SER A 46 -13.44 6.09 7.81
C SER A 46 -12.10 5.66 8.41
N TYR A 47 -11.10 5.49 7.57
CA TYR A 47 -9.77 5.10 8.03
C TYR A 47 -9.08 6.22 8.81
N GLY A 48 -9.64 7.41 8.78
CA GLY A 48 -9.03 8.55 9.41
C GLY A 48 -8.70 9.67 8.44
N GLU A 49 -7.63 10.39 8.73
CA GLU A 49 -7.20 11.50 7.91
C GLU A 49 -5.70 11.38 7.72
N VAL A 50 -5.24 11.83 6.57
CA VAL A 50 -3.82 11.86 6.28
C VAL A 50 -3.42 13.31 5.98
N PHE A 51 -2.36 13.78 6.63
CA PHE A 51 -1.93 15.16 6.48
C PHE A 51 -0.51 15.19 5.92
N LYS A 52 -0.24 16.14 5.02
CA LYS A 52 1.15 16.52 4.71
C LYS A 52 1.60 17.44 5.84
N VAL A 53 2.75 17.16 6.46
CA VAL A 53 3.28 17.96 7.57
C VAL A 53 4.75 18.26 7.40
N ARG A 54 5.21 19.25 8.15
CA ARG A 54 6.62 19.46 8.38
C ARG A 54 6.92 19.15 9.82
N SER A 55 7.98 18.40 10.02
CA SER A 55 8.47 18.06 11.36
C SER A 55 9.26 19.16 12.09
N LYS A 56 8.86 19.42 13.33
CA LYS A 56 9.60 20.43 14.14
C LYS A 56 10.92 19.83 14.62
N GLU A 57 10.95 18.50 14.70
CA GLU A 57 12.17 17.85 15.15
C GLU A 57 13.29 17.97 14.12
N ASP A 58 13.00 17.78 12.83
CA ASP A 58 14.09 17.87 11.83
C ASP A 58 13.86 18.81 10.63
N GLY A 59 12.68 19.44 10.55
CA GLY A 59 12.43 20.37 9.46
C GLY A 59 12.01 19.73 8.14
N ARG A 60 11.90 18.42 8.11
CA ARG A 60 11.59 17.75 6.86
C ARG A 60 10.11 17.47 6.74
N LEU A 61 9.71 17.23 5.49
CA LEU A 61 8.33 16.90 5.19
C LEU A 61 8.03 15.44 5.45
N TYR A 62 6.81 15.14 5.88
CA TYR A 62 6.34 13.79 6.15
C TYR A 62 4.85 13.74 5.87
N ALA A 63 4.28 12.54 5.88
CA ALA A 63 2.83 12.35 5.95
C ALA A 63 2.49 11.74 7.31
N VAL A 64 1.37 12.15 7.88
CA VAL A 64 0.90 11.57 9.13
C VAL A 64 -0.53 11.16 8.96
N LYS A 65 -0.81 9.89 9.24
CA LYS A 65 -2.15 9.34 9.27
C LYS A 65 -2.65 9.22 10.70
N ARG A 66 -3.84 9.71 10.97
CA ARG A 66 -4.41 9.54 12.32
C ARG A 66 -5.80 8.95 12.21
N SER A 67 -6.08 8.05 13.12
CA SER A 67 -7.36 7.39 13.13
C SER A 67 -8.48 8.37 13.50
N MET A 68 -9.70 7.97 13.15
CA MET A 68 -10.86 8.84 13.21
C MET A 68 -11.43 8.99 14.60
N SER A 69 -11.56 7.90 15.35
CA SER A 69 -12.18 8.02 16.68
C SER A 69 -11.42 7.19 17.71
N PRO A 70 -11.57 7.56 19.01
CA PRO A 70 -10.81 6.82 20.02
C PRO A 70 -11.08 5.30 20.04
N PHE A 71 -10.09 4.53 20.44
CA PHE A 71 -10.27 3.07 20.57
C PHE A 71 -11.52 2.76 21.39
N ARG A 72 -12.27 1.77 20.93
CA ARG A 72 -13.53 1.39 21.57
C ARG A 72 -13.35 0.36 22.67
N GLY A 73 -12.22 -0.34 22.65
CA GLY A 73 -11.99 -1.44 23.58
C GLY A 73 -10.61 -1.99 23.28
N PRO A 74 -10.16 -2.94 24.11
CA PRO A 74 -8.82 -3.51 23.92
C PRO A 74 -8.62 -4.21 22.57
N LYS A 75 -9.62 -4.95 22.06
CA LYS A 75 -9.37 -5.61 20.77
C LYS A 75 -9.34 -4.64 19.62
N ASP A 76 -10.17 -3.62 19.67
CA ASP A 76 -10.14 -2.56 18.66
C ASP A 76 -8.77 -1.90 18.66
N ARG A 77 -8.28 -1.54 19.85
CA ARG A 77 -6.94 -1.03 19.92
C ARG A 77 -5.88 -1.98 19.33
N ALA A 78 -5.92 -3.24 19.70
CA ALA A 78 -4.95 -4.21 19.23
C ALA A 78 -5.00 -4.33 17.68
N ARG A 79 -6.21 -4.38 17.12
CA ARG A 79 -6.34 -4.51 15.65
C ARG A 79 -5.76 -3.28 14.95
N LYS A 80 -5.96 -2.08 15.50
CA LYS A 80 -5.44 -0.90 14.83
C LYS A 80 -3.93 -0.81 14.98
N LEU A 81 -3.45 -1.09 16.18
CA LEU A 81 -2.01 -1.04 16.39
C LEU A 81 -1.24 -2.05 15.52
N ALA A 82 -1.92 -3.14 15.16
CA ALA A 82 -1.26 -4.19 14.38
C ALA A 82 -0.75 -3.66 13.04
N GLU A 83 -1.37 -2.61 12.52
CA GLU A 83 -0.84 -2.01 11.29
C GLU A 83 0.61 -1.63 11.48
N VAL A 84 0.99 -1.10 12.66
CA VAL A 84 2.35 -0.68 12.87
C VAL A 84 3.31 -1.87 12.86
N GLY A 85 2.91 -2.97 13.50
CA GLY A 85 3.74 -4.16 13.54
C GLY A 85 3.96 -4.69 12.14
N SER A 86 2.89 -4.72 11.34
CA SER A 86 3.05 -5.13 9.96
C SER A 86 3.98 -4.22 9.16
N HIS A 87 3.81 -2.91 9.33
CA HIS A 87 4.62 -1.96 8.59
C HIS A 87 6.09 -2.10 9.02
N GLU A 88 6.34 -2.28 10.33
CA GLU A 88 7.69 -2.50 10.81
C GLU A 88 8.33 -3.75 10.21
N LYS A 89 7.56 -4.78 9.91
CA LYS A 89 8.12 -5.95 9.25
C LYS A 89 8.61 -5.65 7.84
N VAL A 90 7.95 -4.70 7.17
CA VAL A 90 8.37 -4.26 5.86
C VAL A 90 9.69 -3.44 5.93
N GLY A 91 9.80 -2.58 6.93
CA GLY A 91 11.06 -1.85 7.12
C GLY A 91 11.43 -0.85 6.03
N GLN A 92 12.72 -0.76 5.73
CA GLN A 92 13.23 0.18 4.74
C GLN A 92 13.47 -0.48 3.39
N HIS A 93 12.80 0.03 2.36
CA HIS A 93 13.05 -0.42 1.03
C HIS A 93 12.67 0.72 0.07
N PRO A 94 13.39 0.95 -1.04
CA PRO A 94 13.10 2.16 -1.84
C PRO A 94 11.73 2.13 -2.55
N CYS A 95 11.10 0.95 -2.60
CA CYS A 95 9.78 0.82 -3.28
C CYS A 95 8.67 0.53 -2.32
N CYS A 96 8.89 0.74 -1.03
CA CYS A 96 7.88 0.63 0.02
C CYS A 96 7.85 1.91 0.84
N VAL A 97 6.63 2.36 1.19
CA VAL A 97 6.52 3.57 2.02
C VAL A 97 7.16 3.29 3.37
N ARG A 98 8.06 4.16 3.80
CA ARG A 98 8.84 3.99 5.03
C ARG A 98 8.12 4.61 6.21
N LEU A 99 7.88 3.81 7.25
CA LEU A 99 7.35 4.30 8.52
C LEU A 99 8.46 4.92 9.35
N GLU A 100 8.27 6.17 9.79
CA GLU A 100 9.26 6.85 10.62
C GLU A 100 9.03 6.55 12.09
N GLN A 101 7.80 6.75 12.53
CA GLN A 101 7.44 6.45 13.92
C GLN A 101 5.92 6.43 14.02
N ALA A 102 5.42 5.78 15.05
CA ALA A 102 4.00 5.71 15.33
C ALA A 102 3.80 5.92 16.81
N TRP A 103 2.66 6.48 17.17
CA TRP A 103 2.34 6.71 18.57
C TRP A 103 0.85 6.75 18.77
N GLU A 104 0.44 6.64 20.02
CA GLU A 104 -0.97 6.76 20.36
C GLU A 104 -1.13 7.84 21.43
N GLU A 105 -2.17 8.63 21.30
CA GLU A 105 -2.48 9.65 22.28
C GLU A 105 -3.99 9.92 22.22
N GLY A 106 -4.65 10.02 23.36
CA GLY A 106 -6.08 10.25 23.38
C GLY A 106 -6.88 9.12 22.72
N GLY A 107 -6.35 7.89 22.72
CA GLY A 107 -6.99 6.75 22.04
C GLY A 107 -6.94 6.84 20.52
N ILE A 108 -6.11 7.75 19.98
CA ILE A 108 -5.96 7.94 18.54
C ILE A 108 -4.58 7.43 18.12
N LEU A 109 -4.51 6.68 17.02
CA LEU A 109 -3.27 6.09 16.50
C LEU A 109 -2.74 6.98 15.37
N TYR A 110 -1.50 7.34 15.44
CA TYR A 110 -0.81 8.13 14.44
C TYR A 110 0.32 7.34 13.81
N LEU A 111 0.42 7.36 12.46
CA LEU A 111 1.59 6.77 11.76
C LEU A 111 2.21 7.89 10.97
N GLN A 112 3.46 8.12 11.17
CA GLN A 112 4.21 9.13 10.47
C GLN A 112 5.09 8.35 9.48
N THR A 113 4.96 8.68 8.21
CA THR A 113 5.82 8.08 7.20
C THR A 113 6.52 9.12 6.37
N GLU A 114 7.46 8.68 5.54
CA GLU A 114 7.95 9.57 4.48
C GLU A 114 6.75 10.12 3.67
N LEU A 115 6.98 11.31 3.13
CA LEU A 115 5.98 11.94 2.26
C LEU A 115 6.18 11.44 0.85
N CYS A 116 5.08 10.97 0.28
CA CYS A 116 5.07 10.50 -1.11
C CYS A 116 4.15 11.37 -1.93
N GLY A 117 4.19 11.13 -3.27
CA GLY A 117 3.30 11.86 -4.19
C GLY A 117 1.90 11.23 -4.24
N PRO A 118 1.14 11.65 -5.27
CA PRO A 118 -0.20 11.12 -5.51
C PRO A 118 -0.20 9.60 -5.64
N SER A 119 -1.30 8.97 -5.25
CA SER A 119 -1.46 7.54 -5.57
C SER A 119 -1.54 7.36 -7.06
N LEU A 120 -1.30 6.12 -7.52
CA LEU A 120 -1.53 5.84 -8.96
C LEU A 120 -2.99 6.08 -9.37
N GLN A 121 -3.93 5.83 -8.47
CA GLN A 121 -5.32 6.13 -8.78
C GLN A 121 -5.49 7.61 -9.11
N GLN A 122 -4.90 8.42 -8.24
CA GLN A 122 -5.00 9.87 -8.45
C GLN A 122 -4.26 10.34 -9.69
N HIS A 123 -3.08 9.81 -9.93
CA HIS A 123 -2.29 10.14 -11.09
C HIS A 123 -3.01 9.79 -12.38
N CYS A 124 -3.64 8.64 -12.42
CA CYS A 124 -4.45 8.26 -13.59
C CYS A 124 -5.60 9.22 -13.84
N GLU A 125 -6.33 9.50 -12.76
CA GLU A 125 -7.51 10.35 -12.86
C GLU A 125 -7.19 11.73 -13.39
N ALA A 126 -6.00 12.25 -13.07
CA ALA A 126 -5.73 13.64 -13.39
C ALA A 126 -4.75 13.75 -14.53
N TRP A 127 -4.37 12.59 -15.06
CA TRP A 127 -3.57 12.57 -16.26
C TRP A 127 -4.37 13.10 -17.45
N ALA A 129 -5.41 10.34 -22.76
CA ALA A 129 -6.35 9.65 -21.89
C ALA A 129 -5.65 8.58 -21.07
N SER A 130 -4.77 7.84 -21.74
CA SER A 130 -4.00 6.76 -21.12
C SER A 130 -2.58 7.20 -20.77
N LEU A 131 -2.04 6.60 -19.73
CA LEU A 131 -0.65 6.83 -19.37
C LEU A 131 0.28 6.34 -20.47
N PRO A 132 1.33 7.11 -20.79
CA PRO A 132 2.43 6.62 -21.62
C PRO A 132 2.93 5.30 -21.10
N GLU A 133 3.13 4.32 -21.97
CA GLU A 133 3.45 3.01 -21.47
C GLU A 133 4.81 2.97 -20.77
N ALA A 134 5.73 3.87 -21.12
CA ALA A 134 7.03 3.85 -20.44
C ALA A 134 6.84 4.15 -18.97
N GLN A 135 5.86 4.99 -18.67
CA GLN A 135 5.54 5.23 -17.26
C GLN A 135 4.99 4.01 -16.56
N VAL A 136 4.09 3.31 -17.25
CA VAL A 136 3.51 2.09 -16.72
C VAL A 136 4.56 1.02 -16.43
N TRP A 137 5.55 0.88 -17.32
CA TRP A 137 6.60 -0.11 -17.09
C TRP A 137 7.38 0.19 -15.81
N GLY A 138 7.60 1.48 -15.58
CA GLY A 138 8.27 1.91 -14.35
C GLY A 138 7.46 1.52 -13.12
N TYR A 139 6.15 1.73 -13.17
CA TYR A 139 5.31 1.44 -12.02
C TYR A 139 5.27 -0.06 -11.75
N LEU A 140 5.19 -0.82 -12.85
CA LEU A 140 5.20 -2.29 -12.76
C LEU A 140 6.53 -2.78 -12.11
N ARG A 141 7.66 -2.26 -12.59
CA ARG A 141 8.95 -2.74 -12.11
C ARG A 141 9.14 -2.38 -10.63
N ASP A 142 8.87 -1.13 -10.28
CA ASP A 142 9.03 -0.71 -8.88
C ASP A 142 8.11 -1.50 -7.95
N THR A 143 6.85 -1.75 -8.35
CA THR A 143 5.96 -2.49 -7.44
C THR A 143 6.29 -3.98 -7.42
N LEU A 144 6.86 -4.50 -8.51
CA LEU A 144 7.44 -5.84 -8.43
C LEU A 144 8.61 -5.95 -7.45
N LEU A 145 9.43 -4.90 -7.43
CA LEU A 145 10.55 -4.89 -6.46
C LEU A 145 10.01 -4.90 -5.03
N ALA A 146 8.91 -4.18 -4.81
CA ALA A 146 8.26 -4.18 -3.49
C ALA A 146 7.74 -5.54 -3.18
N LEU A 147 7.10 -6.17 -4.16
CA LEU A 147 6.58 -7.53 -3.90
C LEU A 147 7.67 -8.57 -3.67
N ALA A 148 8.79 -8.47 -4.38
CA ALA A 148 9.92 -9.37 -4.11
C ALA A 148 10.43 -9.15 -2.66
N HIS A 149 10.44 -7.89 -2.20
CA HIS A 149 10.87 -7.58 -0.85
C HIS A 149 9.89 -8.21 0.16
N LEU A 150 8.60 -7.96 0.00
CA LEU A 150 7.58 -8.54 0.90
C LEU A 150 7.67 -10.05 0.96
N HIS A 151 7.79 -10.66 -0.20
CA HIS A 151 7.89 -12.14 -0.24
C HIS A 151 9.17 -12.65 0.36
N SER A 152 10.26 -11.94 0.14
CA SER A 152 11.47 -12.26 0.88
C SER A 152 11.30 -12.28 2.41
N GLN A 153 10.43 -11.41 2.95
CA GLN A 153 10.13 -11.32 4.35
C GLN A 153 8.97 -12.21 4.80
N GLY A 154 8.48 -13.05 3.89
CA GLY A 154 7.32 -13.93 4.11
C GLY A 154 6.01 -13.18 4.36
N LEU A 155 5.87 -12.07 3.66
CA LEU A 155 4.68 -11.21 3.76
C LEU A 155 3.90 -11.19 2.49
N VAL A 156 2.57 -11.11 2.59
CA VAL A 156 1.72 -10.91 1.41
C VAL A 156 0.80 -9.72 1.63
N HIS A 157 0.82 -8.81 0.68
CA HIS A 157 -0.14 -7.69 0.67
C HIS A 157 -1.45 -8.24 -0.03
N LEU A 158 -2.48 -8.24 0.70
CA LEU A 158 -3.72 -8.67 0.20
C LEU A 158 -4.57 -7.52 -0.31
N ASP A 159 -3.99 -6.33 -0.54
CA ASP A 159 -4.82 -5.26 -1.16
C ASP A 159 -3.99 -4.38 -2.05
N VAL A 160 -3.22 -4.97 -2.94
CA VAL A 160 -2.48 -4.22 -3.95
C VAL A 160 -3.52 -3.63 -4.93
N LYS A 161 -3.51 -2.32 -5.10
CA LYS A 161 -4.48 -1.65 -5.98
C LYS A 161 -3.94 -0.24 -6.27
N PRO A 162 -4.46 0.46 -7.26
CA PRO A 162 -3.92 1.78 -7.60
C PRO A 162 -3.91 2.76 -6.45
N ALA A 163 -4.87 2.70 -5.52
CA ALA A 163 -4.89 3.66 -4.41
C ALA A 163 -3.79 3.46 -3.37
N ASN A 164 -3.17 2.29 -3.43
CA ASN A 164 -2.15 1.93 -2.42
C ASN A 164 -0.74 1.99 -2.96
N ILE A 165 -0.53 2.58 -4.11
CA ILE A 165 0.81 2.72 -4.72
C ILE A 165 1.02 4.17 -4.94
N PHE A 166 2.13 4.77 -4.49
CA PHE A 166 2.29 6.20 -4.41
C PHE A 166 3.46 6.64 -5.20
N LEU A 167 3.33 7.70 -5.98
CA LEU A 167 4.43 8.16 -6.80
C LEU A 167 5.58 8.74 -5.99
N GLY A 168 6.77 8.53 -6.50
CA GLY A 168 7.97 9.15 -5.92
C GLY A 168 8.69 9.89 -7.02
N PRO A 169 9.98 10.17 -6.79
CA PRO A 169 10.77 11.02 -7.70
C PRO A 169 11.13 10.31 -9.01
N ARG A 170 11.09 11.03 -10.13
CA ARG A 170 11.57 10.53 -11.42
C ARG A 170 10.94 9.20 -11.83
N GLY A 171 9.62 9.13 -11.76
CA GLY A 171 8.92 7.96 -12.25
C GLY A 171 8.88 6.82 -11.26
N ARG A 172 9.41 6.96 -10.05
CA ARG A 172 9.36 5.80 -9.08
C ARG A 172 7.97 5.66 -8.39
N CYS A 173 7.66 4.47 -7.80
CA CYS A 173 6.30 3.86 -7.36
C CYS A 173 6.80 3.43 -5.93
N LYS A 174 6.01 3.69 -4.88
CA LYS A 174 6.17 2.93 -3.58
C LYS A 174 4.87 2.31 -3.15
N LEU A 175 4.91 1.05 -2.73
CA LEU A 175 3.75 0.37 -2.21
C LEU A 175 3.55 0.76 -0.77
N GLY A 176 2.30 1.02 -0.35
CA GLY A 176 2.04 1.32 1.05
C GLY A 176 0.75 0.67 1.53
N ASP A 177 0.22 1.15 2.65
CA ASP A 177 -1.02 0.67 3.25
C ASP A 177 -0.90 -0.76 3.67
N PHE A 178 -0.09 -0.99 4.68
CA PHE A 178 0.26 -2.33 5.07
C PHE A 178 -0.69 -2.89 6.12
N GLY A 179 -1.82 -2.24 6.34
CA GLY A 179 -2.76 -2.83 7.29
C GLY A 179 -3.36 -4.15 6.83
N LEU A 180 -3.32 -4.49 5.55
CA LEU A 180 -3.93 -5.78 5.11
C LEU A 180 -2.83 -6.71 4.66
N LEU A 181 -1.65 -6.55 5.24
CA LEU A 181 -0.55 -7.46 5.02
C LEU A 181 -0.75 -8.64 5.96
N VAL A 182 -0.45 -9.85 5.45
CA VAL A 182 -0.44 -11.04 6.29
C VAL A 182 0.91 -11.69 6.25
N GLU A 183 1.27 -12.40 7.32
CA GLU A 183 2.53 -13.12 7.32
C GLU A 183 2.20 -14.57 6.91
N LEU A 184 3.10 -15.19 6.14
CA LEU A 184 3.00 -16.62 5.83
C LEU A 184 3.32 -17.51 7.02
N GLY A 188 -0.78 -17.51 12.97
CA GLY A 188 -0.66 -17.76 11.55
C GLY A 188 -0.84 -16.54 10.66
N ALA A 189 -1.93 -16.49 9.91
CA ALA A 189 -2.16 -15.38 8.99
C ALA A 189 -2.35 -14.05 9.73
N GLY A 190 -3.03 -14.10 10.87
CA GLY A 190 -3.40 -12.90 11.60
C GLY A 190 -4.71 -12.36 11.07
N GLU A 191 -5.34 -11.46 11.83
CA GLU A 191 -6.56 -10.79 11.38
C GLU A 191 -6.30 -9.92 10.16
N VAL A 192 -7.25 -9.89 9.23
CA VAL A 192 -7.10 -9.10 7.99
C VAL A 192 -8.49 -8.73 7.43
N GLN A 193 -8.61 -7.56 6.80
CA GLN A 193 -9.90 -7.07 6.30
C GLN A 193 -10.12 -7.48 4.84
N GLU A 194 -11.31 -7.16 4.31
CA GLU A 194 -11.66 -7.50 2.93
C GLU A 194 -10.95 -6.64 1.88
N GLY A 195 -10.10 -7.26 1.06
CA GLY A 195 -9.47 -6.58 -0.08
C GLY A 195 -10.48 -6.22 -1.16
N ASP A 196 -10.08 -5.37 -2.10
CA ASP A 196 -11.00 -4.88 -3.15
C ASP A 196 -11.27 -6.04 -4.13
N PRO A 197 -12.54 -6.41 -4.31
CA PRO A 197 -12.81 -7.57 -5.17
C PRO A 197 -12.32 -7.39 -6.59
N ARG A 198 -12.21 -6.15 -7.04
CA ARG A 198 -11.78 -5.93 -8.41
C ARG A 198 -10.43 -6.52 -8.72
N TYR A 199 -9.53 -6.52 -7.72
CA TYR A 199 -8.16 -6.94 -7.94
C TYR A 199 -7.81 -8.25 -7.27
N MET A 200 -8.80 -8.97 -6.76
CA MET A 200 -8.56 -10.12 -5.89
C MET A 200 -8.18 -11.36 -6.72
N ALA A 201 -7.11 -12.08 -6.33
CA ALA A 201 -6.75 -13.31 -6.99
C ALA A 201 -7.86 -14.33 -6.78
N PRO A 202 -8.08 -15.19 -7.77
CA PRO A 202 -9.25 -16.07 -7.67
C PRO A 202 -9.16 -17.06 -6.53
N GLU A 203 -7.96 -17.49 -6.16
CA GLU A 203 -7.84 -18.46 -5.09
C GLU A 203 -8.29 -17.91 -3.74
N LEU A 204 -8.29 -16.59 -3.60
CA LEU A 204 -8.77 -16.02 -2.33
C LEU A 204 -10.22 -16.29 -2.04
N LEU A 205 -11.00 -16.65 -3.08
CA LEU A 205 -12.40 -17.03 -2.82
C LEU A 205 -12.52 -18.26 -1.95
N GLN A 206 -11.53 -19.14 -2.03
CA GLN A 206 -11.50 -20.33 -1.19
C GLN A 206 -10.61 -20.14 0.04
N GLY A 207 -10.26 -18.89 0.32
CA GLY A 207 -9.42 -18.54 1.47
C GLY A 207 -7.94 -18.86 1.34
N SER A 208 -7.55 -19.24 0.12
CA SER A 208 -6.18 -19.67 -0.13
C SER A 208 -5.35 -18.47 -0.49
N TYR A 209 -4.16 -18.32 0.11
CA TYR A 209 -3.34 -17.19 -0.25
C TYR A 209 -1.87 -17.58 -0.18
N GLY A 210 -1.05 -16.69 -0.71
CA GLY A 210 0.37 -16.94 -0.83
C GLY A 210 0.96 -15.76 -1.58
N THR A 211 2.29 -15.89 -1.79
CA THR A 211 3.06 -14.87 -2.51
C THR A 211 2.42 -14.56 -3.87
N ALA A 212 1.84 -15.58 -4.46
CA ALA A 212 1.25 -15.34 -5.78
C ALA A 212 0.08 -14.41 -5.80
N ALA A 213 -0.66 -14.27 -4.69
CA ALA A 213 -1.87 -13.47 -4.75
C ALA A 213 -1.58 -12.01 -5.06
N ASP A 214 -0.52 -11.46 -4.45
CA ASP A 214 -0.28 -10.05 -4.74
C ASP A 214 0.30 -9.85 -6.15
N VAL A 215 0.96 -10.86 -6.70
CA VAL A 215 1.37 -10.75 -8.12
C VAL A 215 0.12 -10.63 -9.02
N PHE A 216 -0.92 -11.41 -8.73
CA PHE A 216 -2.13 -11.30 -9.53
C PHE A 216 -2.80 -9.93 -9.37
N SER A 217 -2.87 -9.45 -8.12
CA SER A 217 -3.48 -8.16 -7.89
C SER A 217 -2.68 -7.03 -8.55
N LEU A 218 -1.34 -7.13 -8.54
CA LEU A 218 -0.53 -6.13 -9.24
C LEU A 218 -0.81 -6.21 -10.76
N GLY A 219 -1.03 -7.43 -11.24
CA GLY A 219 -1.35 -7.56 -12.66
C GLY A 219 -2.62 -6.80 -13.03
N LEU A 220 -3.67 -6.97 -12.23
CA LEU A 220 -4.88 -6.21 -12.54
C LEU A 220 -4.74 -4.75 -12.26
N THR A 221 -3.96 -4.39 -11.24
CA THR A 221 -3.67 -2.98 -11.00
C THR A 221 -3.04 -2.31 -12.21
N ILE A 222 -2.04 -2.97 -12.78
CA ILE A 222 -1.33 -2.36 -13.88
C ILE A 222 -2.21 -2.39 -15.12
N LEU A 223 -2.96 -3.49 -15.31
CA LEU A 223 -3.92 -3.51 -16.42
C LEU A 223 -4.86 -2.31 -16.36
N GLU A 224 -5.39 -2.07 -15.17
CA GLU A 224 -6.36 -0.99 -15.04
C GLU A 224 -5.76 0.37 -15.35
N VAL A 225 -4.57 0.62 -14.80
CA VAL A 225 -3.97 1.93 -15.06
C VAL A 225 -3.52 2.11 -16.51
N ALA A 226 -3.15 1.02 -17.17
CA ALA A 226 -2.69 1.08 -18.53
C ALA A 226 -3.83 1.28 -19.50
N CYS A 227 -4.98 0.71 -19.18
CA CYS A 227 -6.15 0.84 -20.10
C CYS A 227 -7.13 1.91 -19.63
N ASN A 228 -7.02 2.40 -18.41
CA ASN A 228 -7.95 3.41 -17.88
C ASN A 228 -9.43 3.01 -18.04
N MET A 229 -9.74 1.77 -17.67
CA MET A 229 -11.10 1.24 -17.66
C MET A 229 -11.37 0.54 -16.34
N GLU A 230 -12.58 0.72 -15.80
CA GLU A 230 -12.93 0.14 -14.52
C GLU A 230 -13.02 -1.37 -14.66
N LEU A 231 -12.40 -2.08 -13.73
CA LEU A 231 -12.53 -3.53 -13.69
C LEU A 231 -13.79 -3.92 -12.95
N PRO A 232 -14.37 -5.06 -13.32
CA PRO A 232 -15.61 -5.52 -12.70
C PRO A 232 -15.38 -5.97 -11.25
N HIS A 233 -16.42 -5.77 -10.42
CA HIS A 233 -16.32 -6.21 -9.05
C HIS A 233 -16.98 -7.55 -8.82
N GLY A 234 -17.62 -8.11 -9.86
CA GLY A 234 -18.22 -9.42 -9.73
C GLY A 234 -18.87 -9.83 -11.03
N GLY A 235 -19.56 -10.96 -11.00
CA GLY A 235 -20.30 -11.34 -12.17
C GLY A 235 -19.42 -11.90 -13.26
N GLU A 236 -20.03 -12.05 -14.45
CA GLU A 236 -19.30 -12.70 -15.53
C GLU A 236 -18.04 -12.02 -15.95
N GLY A 237 -18.00 -10.68 -15.91
CA GLY A 237 -16.79 -9.99 -16.30
C GLY A 237 -15.64 -10.23 -15.32
N TRP A 238 -15.97 -10.37 -14.02
CA TRP A 238 -14.95 -10.71 -13.03
C TRP A 238 -14.39 -12.10 -13.33
N GLN A 239 -15.27 -13.06 -13.62
CA GLN A 239 -14.79 -14.41 -13.95
C GLN A 239 -13.95 -14.42 -15.19
N GLN A 240 -14.32 -13.60 -16.18
CA GLN A 240 -13.61 -13.65 -17.46
C GLN A 240 -12.23 -12.97 -17.44
N LEU A 241 -11.89 -12.26 -16.35
CA LEU A 241 -10.50 -11.75 -16.16
C LEU A 241 -9.66 -12.80 -15.49
N ARG A 242 -10.26 -13.94 -15.09
CA ARG A 242 -9.59 -14.97 -14.25
C ARG A 242 -9.60 -16.32 -14.92
N GLN A 243 -9.48 -16.31 -16.26
CA GLN A 243 -9.49 -17.51 -17.05
C GLN A 243 -8.13 -17.81 -17.70
N GLY A 244 -7.19 -16.84 -17.68
CA GLY A 244 -5.89 -17.10 -18.31
C GLY A 244 -5.77 -16.44 -19.71
N TYR A 245 -6.63 -15.47 -19.99
CA TYR A 245 -6.47 -14.65 -21.21
C TYR A 245 -6.83 -13.20 -20.86
N LEU A 246 -6.42 -12.26 -21.71
CA LEU A 246 -6.84 -10.88 -21.54
C LEU A 246 -8.01 -10.58 -22.44
N PRO A 247 -9.16 -10.28 -21.86
CA PRO A 247 -10.28 -9.80 -22.67
C PRO A 247 -9.87 -8.60 -23.53
N PRO A 248 -10.06 -8.68 -24.85
CA PRO A 248 -9.72 -7.56 -25.73
C PRO A 248 -10.31 -6.20 -25.30
N GLU A 249 -11.42 -6.23 -24.56
CA GLU A 249 -12.05 -5.03 -24.01
C GLU A 249 -11.00 -4.15 -23.30
N PHE A 250 -10.04 -4.80 -22.63
CA PHE A 250 -9.07 -4.10 -21.78
C PHE A 250 -7.70 -3.86 -22.42
N THR A 251 -7.49 -4.31 -23.66
CA THR A 251 -6.11 -4.29 -24.14
C THR A 251 -5.87 -3.38 -25.33
N ALA A 252 -6.92 -2.67 -25.75
CA ALA A 252 -6.77 -1.68 -26.81
C ALA A 252 -5.69 -0.69 -26.42
N GLY A 253 -4.69 -0.53 -27.29
CA GLY A 253 -3.63 0.39 -26.97
C GLY A 253 -2.43 -0.22 -26.31
N LEU A 254 -2.60 -1.37 -25.66
CA LEU A 254 -1.51 -2.01 -24.89
C LEU A 254 -0.55 -2.71 -25.84
N SER A 255 0.76 -2.54 -25.63
CA SER A 255 1.71 -3.15 -26.53
C SER A 255 1.69 -4.68 -26.36
N SER A 256 2.19 -5.37 -27.40
CA SER A 256 2.37 -6.83 -27.24
C SER A 256 3.24 -7.17 -26.04
N GLU A 257 4.27 -6.37 -25.81
CA GLU A 257 5.20 -6.63 -24.70
C GLU A 257 4.51 -6.54 -23.35
N LEU A 258 3.72 -5.50 -23.13
CA LEU A 258 3.04 -5.39 -21.88
C LEU A 258 1.97 -6.48 -21.69
N ARG A 259 1.28 -6.79 -22.78
CA ARG A 259 0.28 -7.82 -22.72
C ARG A 259 0.91 -9.13 -22.30
N SER A 260 2.10 -9.38 -22.76
CA SER A 260 2.71 -10.71 -22.54
C SER A 260 3.06 -10.86 -21.08
N VAL A 261 3.54 -9.77 -20.50
CA VAL A 261 3.84 -9.83 -19.08
C VAL A 261 2.62 -9.88 -18.23
N LEU A 262 1.57 -9.11 -18.57
CA LEU A 262 0.36 -9.17 -17.77
C LEU A 262 -0.27 -10.58 -17.76
N VAL A 263 -0.30 -11.23 -18.91
CA VAL A 263 -0.90 -12.57 -18.89
C VAL A 263 -0.12 -13.54 -17.97
N MET A 264 1.21 -13.37 -17.86
CA MET A 264 1.98 -14.19 -16.89
C MET A 264 1.54 -13.91 -15.48
N MET A 265 1.23 -12.65 -15.16
CA MET A 265 0.79 -12.29 -13.82
C MET A 265 -0.64 -12.72 -13.50
N LEU A 266 -1.48 -12.92 -14.55
CA LEU A 266 -2.90 -13.13 -14.38
C LEU A 266 -3.27 -14.63 -14.49
N GLU A 267 -2.26 -15.47 -14.56
CA GLU A 267 -2.52 -16.92 -14.57
C GLU A 267 -3.40 -17.31 -13.37
N PRO A 268 -4.56 -17.95 -13.59
CA PRO A 268 -5.49 -18.28 -12.48
C PRO A 268 -4.93 -19.28 -11.48
N ASP A 269 -4.10 -20.22 -11.91
CA ASP A 269 -3.53 -21.23 -10.99
C ASP A 269 -2.33 -20.62 -10.36
N PRO A 270 -2.41 -20.39 -9.05
CA PRO A 270 -1.27 -19.71 -8.42
C PRO A 270 0.03 -20.54 -8.52
N LYS A 271 -0.05 -21.84 -8.77
CA LYS A 271 1.19 -22.59 -9.00
C LYS A 271 1.81 -22.28 -10.39
N LEU A 272 1.04 -21.82 -11.34
CA LEU A 272 1.55 -21.58 -12.68
C LEU A 272 1.89 -20.10 -12.81
N ARG A 273 1.52 -19.32 -11.79
CA ARG A 273 1.66 -17.89 -11.94
C ARG A 273 3.14 -17.49 -11.73
N ALA A 274 3.62 -16.55 -12.51
CA ALA A 274 5.00 -16.10 -12.30
C ALA A 274 5.25 -15.51 -10.91
N THR A 275 6.48 -15.69 -10.40
CA THR A 275 6.88 -15.00 -9.18
C THR A 275 7.38 -13.62 -9.51
N ALA A 276 7.42 -12.76 -8.51
CA ALA A 276 7.95 -11.41 -8.70
C ALA A 276 9.39 -11.44 -9.21
N GLU A 277 10.23 -12.30 -8.63
CA GLU A 277 11.61 -12.44 -9.08
C GLU A 277 11.73 -12.97 -10.50
N ALA A 278 10.82 -13.88 -10.90
CA ALA A 278 10.91 -14.38 -12.28
C ALA A 278 10.53 -13.25 -13.27
N LEU A 279 9.54 -12.44 -12.91
CA LEU A 279 9.16 -11.29 -13.73
C LEU A 279 10.29 -10.27 -13.80
N LEU A 280 10.88 -9.98 -12.64
CA LEU A 280 11.98 -9.02 -12.63
C LEU A 280 13.20 -9.47 -13.48
N ALA A 281 13.34 -10.77 -13.69
CA ALA A 281 14.46 -11.32 -14.44
C ALA A 281 14.23 -11.32 -15.96
N LEU A 282 13.02 -10.93 -16.36
CA LEU A 282 12.72 -10.84 -17.80
C LEU A 282 13.51 -9.71 -18.43
N PRO A 283 14.07 -9.95 -19.61
CA PRO A 283 14.81 -8.89 -20.32
C PRO A 283 14.05 -7.55 -20.38
N VAL A 284 12.73 -7.61 -20.54
CA VAL A 284 11.95 -6.39 -20.66
C VAL A 284 11.86 -5.61 -19.35
N LEU A 285 12.21 -6.23 -18.23
CA LEU A 285 12.12 -5.48 -16.97
C LEU A 285 13.50 -5.16 -16.42
N ARG A 286 14.55 -5.45 -17.17
CA ARG A 286 15.89 -5.07 -16.75
C ARG A 286 15.95 -3.61 -16.31
N GLN A 287 16.67 -3.34 -15.23
CA GLN A 287 17.01 -1.97 -14.84
C GLN A 287 15.82 -1.01 -14.76
N1 A1D82 B . -5.70 8.57 0.69
N3 A1D82 B . 1.26 10.83 -0.03
C4 A1D82 B . -1.62 8.48 2.03
C5 A1D82 B . -1.21 7.56 2.99
C6 A1D82 B . 0.13 7.55 3.38
C7 A1D82 B . -3.08 8.54 1.57
C8 A1D82 B . -3.65 9.73 1.07
C10 A1D82 B . -5.18 7.42 1.15
C13 A1D82 B . 0.50 6.89 5.77
C15 A1D82 B . 0.89 4.57 6.42
C17 A1D82 B . 0.65 5.23 4.12
C20 A1D82 B . 0.36 8.36 6.23
C21 A1D82 B . -5.62 5.04 1.84
C22 A1D82 B . -5.99 3.76 1.10
C24 A1D82 B . -7.24 6.26 0.49
C1 A1D82 B . 1.09 8.41 2.80
C2 A1D82 B . 0.63 9.28 1.77
C3 A1D82 B . -0.71 9.37 1.40
C9 A1D82 B . -4.99 9.72 0.65
C11 A1D82 B . -3.85 7.35 1.60
C12 A1D82 B . 0.47 6.56 4.45
C14 A1D82 B . 0.73 5.94 6.76
C16 A1D82 B . 0.86 4.27 5.08
N2 A1D82 B . 2.46 8.32 3.14
C18 A1D82 B . 1.62 10.20 1.13
O1 A1D82 B . 2.75 10.41 1.57
O2 A1D82 B . 1.03 2.91 4.75
C19 A1D82 B . 0.65 4.82 2.66
N4 A1D82 B . -5.99 6.22 1.15
O3 A1D82 B . -7.33 3.86 0.63
C23 A1D82 B . -7.56 4.97 -0.22
#